data_1LZK
#
_entry.id   1LZK
#
_cell.length_a   71.584
_cell.length_b   71.584
_cell.length_c   106.170
_cell.angle_alpha   90.00
_cell.angle_beta   90.00
_cell.angle_gamma   120.00
#
_symmetry.space_group_name_H-M   'P 32 2 1'
#
loop_
_entity.id
_entity.type
_entity.pdbx_description
1 polymer 'HEROIN ESTERASE'
2 non-polymer 'CACODYLATE ION'
3 water water
#
_entity_poly.entity_id   1
_entity_poly.type   'polypeptide(L)'
_entity_poly.pdbx_seq_one_letter_code
;MTTFPTLDPELAAALT(MSE)LPKVDFADLPNARATYDALIGA(MSE)LADLSFDGVSLRELSAPGLDGDPEVKIRFVTP
DNTAGPVPVLLWIHGGGFAIGTAESSDPFCVEVARELGFAVANVEYRLAPETTFPGPVNDCYAALLYIHAHAEELGIDPS
RIAVGGQSAGGGLAAGTVLKARDEGVVPVAFQFLEIPELDDRLETVS(MSE)TNFVDTPLWHRPNAILSWKYYLGESYSG
PEDPDVSIYAAPSRATDLTGLPPTYLST(MSE)ELDPLRDEGIEYALRLLQAGVSVELHSFPGTFHGSALVATAAVSERG
AAEALTAIRRGLRSLSPVS
;
_entity_poly.pdbx_strand_id   A
#
loop_
_chem_comp.id
_chem_comp.type
_chem_comp.name
_chem_comp.formula
CAC non-polymer 'CACODYLATE ION' 'C2 H6 As O2 -1'
#
# COMPACT_ATOMS: atom_id res chain seq x y z
N THR A 2 22.94 -18.72 -4.90
CA THR A 2 23.53 -18.36 -6.19
C THR A 2 22.44 -18.22 -7.26
N THR A 3 21.20 -18.51 -6.91
CA THR A 3 20.13 -18.16 -7.84
C THR A 3 20.06 -16.64 -8.05
N PHE A 4 20.22 -15.90 -6.95
CA PHE A 4 20.06 -14.43 -6.95
C PHE A 4 21.22 -13.82 -6.16
N PRO A 5 22.36 -13.76 -6.84
CA PRO A 5 23.61 -13.39 -6.19
C PRO A 5 23.65 -11.96 -5.71
N THR A 6 22.73 -11.08 -6.19
CA THR A 6 22.74 -9.72 -5.65
C THR A 6 21.98 -9.61 -4.34
N LEU A 7 21.22 -10.68 -4.02
CA LEU A 7 20.54 -10.68 -2.75
C LEU A 7 21.45 -10.46 -1.56
N ASP A 8 21.05 -9.58 -0.65
CA ASP A 8 21.65 -9.46 0.67
C ASP A 8 21.74 -10.82 1.34
N PRO A 9 22.88 -11.19 1.94
CA PRO A 9 22.97 -12.53 2.52
C PRO A 9 21.92 -12.74 3.60
N GLU A 10 21.63 -11.66 4.32
CA GLU A 10 20.64 -11.83 5.40
C GLU A 10 19.29 -12.25 4.80
N LEU A 11 18.96 -11.62 3.69
CA LEU A 11 17.71 -11.94 2.98
C LEU A 11 17.85 -13.26 2.25
N ALA A 12 19.13 -13.59 2.09
CA ALA A 12 19.52 -14.78 1.35
C ALA A 12 18.93 -16.02 2.01
N ALA A 13 19.26 -16.24 3.27
CA ALA A 13 18.75 -17.31 4.10
C ALA A 13 17.27 -17.61 3.84
N ALA A 14 16.43 -16.73 4.37
CA ALA A 14 14.99 -16.67 4.31
C ALA A 14 14.44 -16.76 2.90
N LEU A 15 14.85 -17.70 2.08
CA LEU A 15 14.23 -17.82 0.75
C LEU A 15 13.89 -19.27 0.42
N THR A 16 14.43 -20.18 1.24
CA THR A 16 13.99 -21.58 1.14
C THR A 16 12.60 -21.71 1.76
N MSE A 17 12.41 -21.12 2.95
CA MSE A 17 11.13 -21.29 3.61
C MSE A 17 9.98 -20.78 2.74
O MSE A 17 9.03 -21.53 2.46
CB MSE A 17 11.09 -20.62 4.98
CG MSE A 17 12.35 -20.15 5.67
SE MSE A 17 13.83 -21.37 5.70
CE MSE A 17 15.22 -20.20 5.05
N LEU A 18 10.07 -19.53 2.31
CA LEU A 18 9.10 -18.74 1.58
C LEU A 18 8.15 -19.53 0.70
N PRO A 19 6.89 -19.72 1.12
CA PRO A 19 5.99 -20.46 0.23
C PRO A 19 5.71 -19.63 -1.01
N LYS A 20 5.29 -20.28 -2.09
CA LYS A 20 4.81 -19.61 -3.29
C LYS A 20 3.36 -19.17 -3.10
N VAL A 21 3.11 -17.93 -3.51
CA VAL A 21 1.75 -17.41 -3.59
C VAL A 21 1.37 -17.38 -5.06
N ASP A 22 0.72 -18.43 -5.56
CA ASP A 22 0.45 -18.40 -7.00
C ASP A 22 -0.96 -17.94 -7.30
N PHE A 23 -1.08 -16.82 -8.01
CA PHE A 23 -2.38 -16.21 -8.20
C PHE A 23 -3.34 -17.09 -8.97
N ALA A 24 -2.77 -18.06 -9.69
CA ALA A 24 -3.57 -18.93 -10.54
C ALA A 24 -4.58 -19.75 -9.76
N ASP A 25 -4.28 -20.11 -8.51
CA ASP A 25 -5.23 -20.78 -7.64
C ASP A 25 -5.50 -19.80 -6.49
N LEU A 26 -6.54 -19.02 -6.67
CA LEU A 26 -6.78 -17.97 -5.68
C LEU A 26 -7.23 -18.53 -4.34
N PRO A 27 -8.14 -19.51 -4.26
CA PRO A 27 -8.42 -20.14 -2.98
C PRO A 27 -7.18 -20.60 -2.22
N ASN A 28 -6.24 -21.27 -2.91
CA ASN A 28 -5.07 -21.73 -2.14
C ASN A 28 -4.16 -20.56 -1.84
N ALA A 29 -4.07 -19.58 -2.73
CA ALA A 29 -3.22 -18.40 -2.52
C ALA A 29 -3.64 -17.59 -1.30
N ARG A 30 -4.96 -17.44 -1.15
CA ARG A 30 -5.54 -16.77 0.00
C ARG A 30 -5.28 -17.55 1.27
N ALA A 31 -5.22 -18.88 1.09
CA ALA A 31 -5.10 -19.78 2.23
C ALA A 31 -3.66 -19.76 2.72
N THR A 32 -2.75 -19.91 1.73
CA THR A 32 -1.34 -19.87 2.14
C THR A 32 -1.09 -18.49 2.74
N TYR A 33 -1.60 -17.42 2.13
CA TYR A 33 -1.34 -16.07 2.63
C TYR A 33 -1.88 -15.91 4.06
N ASP A 34 -3.13 -16.31 4.22
CA ASP A 34 -3.76 -16.04 5.51
C ASP A 34 -3.00 -16.82 6.56
N ALA A 35 -2.44 -17.96 6.17
CA ALA A 35 -1.65 -18.71 7.18
C ALA A 35 -0.35 -18.00 7.46
N LEU A 36 0.43 -17.51 6.47
CA LEU A 36 1.62 -16.78 6.91
C LEU A 36 1.26 -15.53 7.71
N ILE A 37 0.20 -14.81 7.39
CA ILE A 37 -0.18 -13.67 8.22
C ILE A 37 -0.59 -14.07 9.62
N GLY A 38 -1.47 -15.07 9.69
CA GLY A 38 -2.10 -15.42 10.96
C GLY A 38 -1.14 -15.86 12.02
N ALA A 39 -0.09 -16.62 11.68
CA ALA A 39 0.76 -17.02 12.82
C ALA A 39 1.56 -15.84 13.35
N MSE A 40 1.76 -14.82 12.51
CA MSE A 40 2.65 -13.74 12.91
C MSE A 40 1.91 -12.74 13.80
O MSE A 40 2.46 -12.07 14.67
CB MSE A 40 3.23 -13.05 11.68
CG MSE A 40 3.30 -11.54 11.75
SE MSE A 40 1.88 -10.58 10.87
CE MSE A 40 2.73 -10.23 9.16
N LEU A 41 0.61 -12.64 13.59
CA LEU A 41 -0.19 -11.70 14.34
C LEU A 41 -0.37 -12.14 15.79
N ALA A 42 -0.36 -13.46 15.97
CA ALA A 42 -0.69 -14.04 17.25
C ALA A 42 0.16 -13.49 18.38
N ASP A 43 1.41 -13.16 18.06
CA ASP A 43 2.31 -12.72 19.12
C ASP A 43 2.44 -11.20 19.15
N LEU A 44 1.70 -10.52 18.27
CA LEU A 44 1.87 -9.07 18.17
C LEU A 44 1.50 -8.36 19.45
N SER A 45 2.34 -7.46 19.95
CA SER A 45 2.05 -6.59 21.09
C SER A 45 1.31 -5.29 20.75
N PHE A 46 0.24 -4.97 21.46
CA PHE A 46 -0.54 -3.75 21.38
C PHE A 46 -0.31 -2.78 22.53
N ASP A 47 0.78 -3.03 23.25
CA ASP A 47 1.27 -2.14 24.28
C ASP A 47 1.29 -0.69 23.81
N GLY A 48 0.64 0.18 24.58
CA GLY A 48 0.64 1.59 24.35
C GLY A 48 -0.34 2.09 23.32
N VAL A 49 -1.14 1.21 22.70
CA VAL A 49 -2.10 1.68 21.71
C VAL A 49 -3.46 1.03 21.96
N SER A 50 -4.52 1.57 21.37
CA SER A 50 -5.85 0.98 21.39
C SER A 50 -6.36 0.74 19.96
N LEU A 51 -7.21 -0.22 19.73
CA LEU A 51 -7.73 -0.52 18.38
C LEU A 51 -9.24 -0.61 18.51
N ARG A 52 -9.96 0.13 17.68
CA ARG A 52 -11.41 -0.02 17.62
C ARG A 52 -11.82 0.00 16.15
N GLU A 53 -12.95 -0.61 15.86
CA GLU A 53 -13.47 -0.69 14.51
C GLU A 53 -14.40 0.49 14.23
N LEU A 54 -14.17 1.15 13.11
CA LEU A 54 -15.04 2.23 12.64
C LEU A 54 -15.80 1.71 11.42
N SER A 55 -16.96 2.29 11.11
CA SER A 55 -17.68 1.95 9.89
C SER A 55 -17.88 3.19 9.05
N ALA A 56 -17.23 3.26 7.89
CA ALA A 56 -17.40 4.39 6.96
C ALA A 56 -18.49 4.05 5.95
N PRO A 57 -19.45 4.92 5.70
CA PRO A 57 -20.43 4.65 4.64
C PRO A 57 -19.72 4.43 3.30
N GLY A 58 -20.09 3.41 2.53
CA GLY A 58 -19.58 3.22 1.18
C GLY A 58 -19.99 4.34 0.23
N LEU A 59 -19.19 4.45 -0.85
CA LEU A 59 -19.64 5.35 -1.92
C LEU A 59 -20.84 4.79 -2.65
N ASP A 60 -21.66 5.66 -3.28
CA ASP A 60 -22.79 5.14 -4.06
C ASP A 60 -23.69 4.25 -3.22
N GLY A 61 -24.17 3.13 -3.81
CA GLY A 61 -24.99 2.27 -2.91
C GLY A 61 -24.16 1.29 -2.10
N ASP A 62 -22.84 1.45 -1.98
CA ASP A 62 -22.01 0.37 -1.49
C ASP A 62 -22.11 0.14 0.01
N PRO A 63 -21.77 -1.10 0.40
CA PRO A 63 -21.78 -1.43 1.83
C PRO A 63 -20.76 -0.58 2.60
N GLU A 64 -20.97 -0.54 3.92
CA GLU A 64 -20.07 0.07 4.85
C GLU A 64 -18.66 -0.53 4.70
N VAL A 65 -17.69 0.37 4.88
CA VAL A 65 -16.29 -0.02 4.86
C VAL A 65 -15.73 0.01 6.26
N LYS A 66 -15.28 -1.16 6.73
CA LYS A 66 -14.76 -1.18 8.11
C LYS A 66 -13.32 -0.63 8.11
N ILE A 67 -12.99 0.03 9.22
CA ILE A 67 -11.68 0.59 9.44
C ILE A 67 -11.14 0.09 10.77
N ARG A 68 -9.94 -0.47 10.80
CA ARG A 68 -9.26 -0.77 12.08
C ARG A 68 -8.53 0.48 12.48
N PHE A 69 -9.03 1.15 13.49
CA PHE A 69 -8.56 2.50 13.88
C PHE A 69 -7.69 2.34 15.12
N VAL A 70 -6.39 2.55 14.93
CA VAL A 70 -5.35 2.40 15.93
C VAL A 70 -4.97 3.77 16.45
N THR A 71 -5.00 3.89 17.77
CA THR A 71 -4.65 5.18 18.35
C THR A 71 -3.68 5.01 19.51
N PRO A 72 -2.85 6.01 19.70
CA PRO A 72 -1.87 5.92 20.80
C PRO A 72 -2.54 6.26 22.12
N ASP A 73 -2.17 5.52 23.16
CA ASP A 73 -2.66 5.78 24.50
C ASP A 73 -2.11 7.10 25.04
N ASN A 74 -2.90 7.75 25.87
CA ASN A 74 -2.52 8.95 26.59
C ASN A 74 -1.81 9.98 25.71
N THR A 75 -2.52 10.48 24.71
CA THR A 75 -2.00 11.55 23.88
C THR A 75 -2.93 12.75 23.98
N ALA A 76 -2.38 13.92 23.71
CA ALA A 76 -3.14 15.16 23.67
C ALA A 76 -4.26 15.09 22.66
N GLY A 77 -3.95 14.83 21.38
CA GLY A 77 -4.96 14.93 20.34
C GLY A 77 -5.41 16.36 20.19
N PRO A 78 -5.79 16.89 19.06
CA PRO A 78 -5.87 16.22 17.77
C PRO A 78 -4.50 15.82 17.21
N VAL A 79 -4.42 14.60 16.72
CA VAL A 79 -3.19 14.08 16.15
C VAL A 79 -3.32 13.86 14.65
N PRO A 80 -2.20 13.80 13.94
CA PRO A 80 -2.26 13.39 12.52
C PRO A 80 -2.72 11.93 12.39
N VAL A 81 -3.20 11.64 11.19
CA VAL A 81 -3.68 10.30 10.90
C VAL A 81 -3.07 9.79 9.58
N LEU A 82 -2.73 8.51 9.58
CA LEU A 82 -2.33 7.78 8.39
C LEU A 82 -3.48 6.87 7.97
N LEU A 83 -4.04 7.07 6.81
CA LEU A 83 -4.97 6.14 6.17
C LEU A 83 -4.09 5.07 5.52
N TRP A 84 -4.17 3.82 5.93
CA TRP A 84 -3.30 2.76 5.50
C TRP A 84 -4.07 1.70 4.73
N ILE A 85 -3.46 1.21 3.68
CA ILE A 85 -4.12 0.26 2.78
C ILE A 85 -3.19 -0.92 2.52
N HIS A 86 -3.64 -2.11 2.95
CA HIS A 86 -2.83 -3.29 2.84
C HIS A 86 -2.70 -3.80 1.39
N GLY A 87 -1.70 -4.66 1.21
CA GLY A 87 -1.50 -5.20 -0.15
C GLY A 87 -2.02 -6.62 -0.27
N GLY A 88 -1.61 -7.29 -1.34
CA GLY A 88 -2.17 -8.59 -1.70
C GLY A 88 -2.64 -8.65 -3.12
N GLY A 89 -2.10 -7.88 -4.04
CA GLY A 89 -2.34 -7.96 -5.46
C GLY A 89 -3.78 -7.72 -5.88
N PHE A 90 -4.53 -7.00 -5.03
CA PHE A 90 -5.92 -6.57 -5.17
C PHE A 90 -6.85 -7.72 -4.83
N ALA A 91 -6.34 -8.93 -4.69
CA ALA A 91 -7.19 -10.11 -4.59
C ALA A 91 -7.02 -10.90 -3.32
N ILE A 92 -5.99 -10.66 -2.55
CA ILE A 92 -5.79 -11.39 -1.29
C ILE A 92 -5.49 -10.40 -0.17
N GLY A 93 -5.49 -10.87 1.06
CA GLY A 93 -5.11 -10.06 2.22
C GLY A 93 -6.28 -9.48 2.98
N THR A 94 -6.03 -9.07 4.21
CA THR A 94 -6.98 -8.40 5.06
C THR A 94 -6.31 -7.23 5.76
N ALA A 95 -7.12 -6.30 6.27
CA ALA A 95 -6.55 -5.17 7.00
C ALA A 95 -5.78 -5.64 8.22
N GLU A 96 -6.26 -6.68 8.93
CA GLU A 96 -5.50 -7.11 10.10
C GLU A 96 -4.06 -7.50 9.78
N SER A 97 -3.76 -7.96 8.57
CA SER A 97 -2.39 -8.31 8.15
C SER A 97 -1.43 -7.13 8.33
N SER A 98 -1.92 -5.89 8.28
CA SER A 98 -1.10 -4.71 8.49
C SER A 98 -1.11 -4.19 9.92
N ASP A 99 -1.77 -4.91 10.84
CA ASP A 99 -1.72 -4.42 12.22
C ASP A 99 -0.30 -4.17 12.74
N PRO A 100 0.71 -4.96 12.47
CA PRO A 100 2.04 -4.68 13.04
C PRO A 100 2.52 -3.30 12.67
N PHE A 101 2.39 -2.92 11.40
CA PHE A 101 2.89 -1.60 11.03
C PHE A 101 2.06 -0.46 11.63
N CYS A 102 0.74 -0.66 11.65
CA CYS A 102 -0.17 0.36 12.15
C CYS A 102 0.09 0.60 13.64
N VAL A 103 0.32 -0.48 14.41
CA VAL A 103 0.69 -0.37 15.80
C VAL A 103 2.01 0.37 15.95
N GLU A 104 3.00 0.05 15.11
CA GLU A 104 4.30 0.75 15.16
C GLU A 104 4.15 2.23 14.92
N VAL A 105 3.37 2.67 13.92
CA VAL A 105 3.17 4.09 13.65
C VAL A 105 2.51 4.80 14.82
N ALA A 106 1.44 4.21 15.39
CA ALA A 106 0.73 4.80 16.49
C ALA A 106 1.62 4.85 17.73
N ARG A 107 2.32 3.76 18.02
CA ARG A 107 3.17 3.74 19.22
C ARG A 107 4.40 4.62 19.09
N GLU A 108 5.11 4.59 17.98
CA GLU A 108 6.34 5.40 17.90
C GLU A 108 6.13 6.85 17.50
N LEU A 109 5.15 7.15 16.67
CA LEU A 109 4.94 8.52 16.23
C LEU A 109 3.81 9.26 16.91
N GLY A 110 2.91 8.54 17.60
CA GLY A 110 1.80 9.21 18.28
C GLY A 110 0.72 9.70 17.34
N PHE A 111 0.62 8.99 16.21
CA PHE A 111 -0.37 9.26 15.19
C PHE A 111 -1.44 8.17 15.23
N ALA A 112 -2.64 8.62 14.86
CA ALA A 112 -3.75 7.71 14.60
C ALA A 112 -3.54 7.01 13.27
N VAL A 113 -4.00 5.77 13.17
CA VAL A 113 -3.88 5.02 11.93
C VAL A 113 -5.23 4.42 11.56
N ALA A 114 -5.76 4.74 10.38
CA ALA A 114 -7.02 4.24 9.87
C ALA A 114 -6.72 3.15 8.84
N ASN A 115 -6.73 1.91 9.27
CA ASN A 115 -6.35 0.78 8.41
C ASN A 115 -7.56 0.23 7.70
N VAL A 116 -7.64 0.34 6.38
CA VAL A 116 -8.91 0.16 5.67
C VAL A 116 -9.19 -1.25 5.20
N GLU A 117 -10.40 -1.76 5.52
CA GLU A 117 -10.80 -3.09 5.03
C GLU A 117 -11.53 -2.94 3.71
N TYR A 118 -10.81 -2.83 2.61
CA TYR A 118 -11.47 -2.68 1.30
C TYR A 118 -11.91 -4.03 0.77
N ARG A 119 -12.88 -4.01 -0.15
CA ARG A 119 -13.34 -5.25 -0.75
C ARG A 119 -12.34 -5.81 -1.74
N LEU A 120 -12.17 -7.15 -1.77
CA LEU A 120 -11.22 -7.76 -2.67
C LEU A 120 -11.76 -8.11 -4.05
N ALA A 121 -10.92 -8.04 -5.07
CA ALA A 121 -11.19 -8.59 -6.40
C ALA A 121 -10.89 -10.07 -6.41
N PRO A 122 -11.39 -10.86 -7.34
CA PRO A 122 -12.28 -10.43 -8.40
C PRO A 122 -13.75 -10.30 -7.99
N GLU A 123 -14.11 -10.71 -6.77
CA GLU A 123 -15.52 -10.60 -6.38
C GLU A 123 -16.03 -9.17 -6.49
N THR A 124 -15.16 -8.20 -6.16
CA THR A 124 -15.48 -6.77 -6.32
C THR A 124 -14.37 -6.21 -7.21
N THR A 125 -14.69 -5.91 -8.45
CA THR A 125 -13.71 -5.35 -9.35
C THR A 125 -13.64 -3.84 -9.23
N PHE A 126 -12.55 -3.29 -9.77
CA PHE A 126 -12.49 -1.83 -9.93
C PHE A 126 -13.79 -1.31 -10.50
N PRO A 127 -14.36 -0.18 -10.06
CA PRO A 127 -13.76 0.72 -9.10
C PRO A 127 -14.00 0.43 -7.63
N GLY A 128 -14.61 -0.71 -7.29
CA GLY A 128 -15.00 -0.89 -5.88
C GLY A 128 -13.92 -0.71 -4.84
N PRO A 129 -12.78 -1.39 -4.96
CA PRO A 129 -11.71 -1.27 -3.93
C PRO A 129 -11.20 0.15 -3.73
N VAL A 130 -10.95 0.90 -4.81
CA VAL A 130 -10.49 2.29 -4.65
C VAL A 130 -11.64 3.12 -4.09
N ASN A 131 -12.87 2.91 -4.52
CA ASN A 131 -13.99 3.63 -3.92
C ASN A 131 -14.09 3.40 -2.41
N ASP A 132 -13.81 2.17 -1.93
CA ASP A 132 -13.83 1.90 -0.50
C ASP A 132 -12.78 2.73 0.24
N CYS A 133 -11.59 2.85 -0.35
CA CYS A 133 -10.51 3.60 0.26
C CYS A 133 -10.86 5.09 0.26
N TYR A 134 -11.44 5.55 -0.86
CA TYR A 134 -11.82 6.98 -0.85
C TYR A 134 -12.99 7.24 0.10
N ALA A 135 -13.91 6.31 0.21
CA ALA A 135 -15.01 6.44 1.18
C ALA A 135 -14.44 6.55 2.58
N ALA A 136 -13.43 5.73 2.87
CA ALA A 136 -12.78 5.78 4.18
C ALA A 136 -12.12 7.13 4.44
N LEU A 137 -11.39 7.66 3.45
CA LEU A 137 -10.81 9.01 3.51
C LEU A 137 -11.83 10.11 3.75
N LEU A 138 -12.93 10.04 3.01
CA LEU A 138 -14.05 11.00 3.18
C LEU A 138 -14.56 10.95 4.60
N TYR A 139 -14.68 9.74 5.12
CA TYR A 139 -15.23 9.57 6.46
C TYR A 139 -14.33 10.12 7.54
N ILE A 140 -13.05 9.73 7.47
CA ILE A 140 -12.10 10.22 8.48
C ILE A 140 -11.94 11.74 8.40
N HIS A 141 -11.99 12.32 7.20
CA HIS A 141 -11.99 13.77 7.10
C HIS A 141 -13.26 14.40 7.66
N ALA A 142 -14.45 13.92 7.31
CA ALA A 142 -15.66 14.55 7.82
C ALA A 142 -15.84 14.40 9.32
N HIS A 143 -15.28 13.36 9.94
CA HIS A 143 -15.48 13.11 11.36
C HIS A 143 -14.22 13.34 12.17
N ALA A 144 -13.28 14.15 11.63
CA ALA A 144 -11.98 14.23 12.33
C ALA A 144 -12.10 14.73 13.77
N GLU A 145 -12.96 15.73 13.98
CA GLU A 145 -13.02 16.31 15.34
C GLU A 145 -13.43 15.19 16.29
N GLU A 146 -14.48 14.47 15.90
CA GLU A 146 -14.98 13.45 16.84
C GLU A 146 -13.96 12.36 17.00
N LEU A 147 -13.15 12.18 15.96
CA LEU A 147 -12.16 11.12 16.02
C LEU A 147 -10.86 11.55 16.64
N GLY A 148 -10.74 12.85 16.87
CA GLY A 148 -9.52 13.34 17.50
C GLY A 148 -8.35 13.43 16.54
N ILE A 149 -8.73 13.72 15.30
CA ILE A 149 -7.77 13.86 14.20
C ILE A 149 -7.65 15.28 13.73
N ASP A 150 -6.43 15.69 13.40
CA ASP A 150 -6.20 16.97 12.74
C ASP A 150 -6.39 16.78 11.24
N PRO A 151 -7.45 17.35 10.69
CA PRO A 151 -7.78 17.11 9.28
C PRO A 151 -6.77 17.73 8.32
N SER A 152 -5.95 18.67 8.78
CA SER A 152 -4.89 19.25 7.96
C SER A 152 -3.67 18.35 7.91
N ARG A 153 -3.68 17.22 8.60
CA ARG A 153 -2.52 16.32 8.59
C ARG A 153 -2.96 14.86 8.41
N ILE A 154 -3.56 14.63 7.25
CA ILE A 154 -3.97 13.31 6.82
C ILE A 154 -2.96 12.77 5.79
N ALA A 155 -2.35 11.63 6.11
CA ALA A 155 -1.52 10.92 5.10
C ALA A 155 -2.31 9.77 4.50
N VAL A 156 -2.05 9.42 3.25
CA VAL A 156 -2.63 8.23 2.61
C VAL A 156 -1.45 7.36 2.20
N GLY A 157 -1.49 6.06 2.54
CA GLY A 157 -0.35 5.21 2.16
C GLY A 157 -0.78 3.78 2.02
N GLY A 158 0.14 2.99 1.47
CA GLY A 158 -0.15 1.54 1.45
C GLY A 158 1.02 0.81 0.83
N GLN A 159 0.92 -0.50 0.82
CA GLN A 159 2.01 -1.36 0.33
C GLN A 159 1.55 -2.19 -0.85
N SER A 160 2.40 -2.26 -1.87
CA SER A 160 2.14 -3.10 -3.05
C SER A 160 0.81 -2.77 -3.69
N ALA A 161 -0.16 -3.65 -3.86
CA ALA A 161 -1.48 -3.28 -4.36
C ALA A 161 -2.09 -2.16 -3.53
N GLY A 162 -1.83 -2.14 -2.25
CA GLY A 162 -2.30 -1.07 -1.34
C GLY A 162 -1.66 0.26 -1.70
N GLY A 163 -0.42 0.22 -2.19
CA GLY A 163 0.28 1.38 -2.72
C GLY A 163 -0.38 1.88 -3.97
N GLY A 164 -0.84 0.97 -4.85
CA GLY A 164 -1.60 1.43 -6.02
C GLY A 164 -2.93 2.01 -5.65
N LEU A 165 -3.66 1.36 -4.75
CA LEU A 165 -4.90 1.91 -4.22
C LEU A 165 -4.65 3.22 -3.53
N ALA A 166 -3.55 3.40 -2.75
CA ALA A 166 -3.28 4.69 -2.14
C ALA A 166 -3.08 5.75 -3.20
N ALA A 167 -2.24 5.41 -4.21
CA ALA A 167 -1.98 6.41 -5.23
C ALA A 167 -3.24 6.78 -6.01
N GLY A 168 -4.10 5.82 -6.32
CA GLY A 168 -5.35 6.05 -7.00
C GLY A 168 -6.27 6.89 -6.11
N THR A 169 -6.31 6.64 -4.81
CA THR A 169 -7.13 7.41 -3.87
C THR A 169 -6.65 8.83 -3.77
N VAL A 170 -5.35 9.04 -3.80
CA VAL A 170 -4.75 10.37 -3.75
C VAL A 170 -5.04 11.12 -5.04
N LEU A 171 -4.97 10.48 -6.20
CA LEU A 171 -5.40 11.13 -7.45
C LEU A 171 -6.86 11.53 -7.35
N LYS A 172 -7.73 10.59 -6.94
CA LYS A 172 -9.16 10.90 -6.84
C LYS A 172 -9.42 12.04 -5.87
N ALA A 173 -8.72 12.07 -4.74
CA ALA A 173 -8.90 13.10 -3.73
C ALA A 173 -8.54 14.47 -4.33
N ARG A 174 -7.44 14.50 -5.10
CA ARG A 174 -7.02 15.80 -5.65
C ARG A 174 -8.04 16.27 -6.65
N ASP A 175 -8.46 15.37 -7.53
CA ASP A 175 -9.40 15.64 -8.62
C ASP A 175 -10.77 16.08 -8.11
N GLU A 176 -11.31 15.41 -7.07
CA GLU A 176 -12.60 15.76 -6.49
C GLU A 176 -12.53 17.02 -5.63
N GLY A 177 -11.40 17.33 -5.05
CA GLY A 177 -11.22 18.58 -4.34
C GLY A 177 -11.96 18.70 -3.05
N VAL A 178 -12.24 17.59 -2.37
CA VAL A 178 -12.98 17.63 -1.12
C VAL A 178 -12.04 17.48 0.06
N VAL A 179 -11.15 16.50 0.00
CA VAL A 179 -10.28 16.20 1.14
C VAL A 179 -8.82 16.55 0.83
N PRO A 180 -8.18 17.38 1.63
CA PRO A 180 -6.75 17.71 1.42
C PRO A 180 -5.93 16.59 2.05
N VAL A 181 -4.93 16.15 1.28
CA VAL A 181 -4.06 15.08 1.72
C VAL A 181 -2.65 15.69 1.89
N ALA A 182 -2.11 15.57 3.08
CA ALA A 182 -0.85 16.18 3.45
C ALA A 182 0.37 15.39 3.01
N PHE A 183 0.25 14.09 2.85
CA PHE A 183 1.43 13.26 2.56
C PHE A 183 0.93 11.95 1.96
N GLN A 184 1.75 11.41 1.05
CA GLN A 184 1.48 10.16 0.35
C GLN A 184 2.62 9.17 0.57
N PHE A 185 2.35 7.98 1.04
CA PHE A 185 3.38 7.02 1.38
C PHE A 185 3.17 5.74 0.57
N LEU A 186 4.04 5.48 -0.37
CA LEU A 186 3.83 4.40 -1.32
C LEU A 186 4.97 3.39 -1.18
N GLU A 187 4.70 2.24 -0.60
CA GLU A 187 5.70 1.20 -0.38
C GLU A 187 5.60 0.13 -1.46
N ILE A 188 6.69 -0.08 -2.21
CA ILE A 188 6.73 -1.09 -3.26
C ILE A 188 5.41 -1.13 -4.06
N PRO A 189 4.92 0.01 -4.53
CA PRO A 189 3.55 0.12 -5.06
C PRO A 189 3.35 -0.59 -6.40
N GLU A 190 2.16 -1.12 -6.62
CA GLU A 190 1.67 -1.72 -7.85
C GLU A 190 0.86 -0.67 -8.61
N LEU A 191 1.41 -0.08 -9.68
CA LEU A 191 0.89 1.15 -10.26
C LEU A 191 0.48 1.06 -11.74
N ASP A 192 1.03 0.07 -12.45
CA ASP A 192 0.91 0.10 -13.91
C ASP A 192 0.48 -1.24 -14.48
N ASP A 193 -0.74 -1.29 -15.07
CA ASP A 193 -1.21 -2.58 -15.56
C ASP A 193 -0.56 -2.94 -16.90
N ARG A 194 0.16 -2.03 -17.51
CA ARG A 194 0.65 -2.25 -18.89
C ARG A 194 1.83 -3.20 -18.92
N LEU A 195 2.53 -3.46 -17.82
CA LEU A 195 3.56 -4.48 -17.68
C LEU A 195 4.68 -4.36 -18.71
N GLU A 196 5.05 -3.13 -19.05
CA GLU A 196 6.02 -2.93 -20.13
C GLU A 196 7.37 -2.41 -19.69
N THR A 197 7.58 -2.14 -18.41
CA THR A 197 8.93 -1.75 -17.97
C THR A 197 9.89 -2.92 -18.02
N VAL A 198 11.17 -2.61 -18.07
CA VAL A 198 12.17 -3.69 -18.08
C VAL A 198 12.03 -4.60 -16.90
N SER A 199 11.80 -4.10 -15.68
CA SER A 199 11.73 -5.06 -14.56
C SER A 199 10.51 -6.01 -14.72
N MSE A 200 9.48 -5.44 -15.30
CA MSE A 200 8.27 -6.26 -15.45
C MSE A 200 8.40 -7.22 -16.62
O MSE A 200 7.75 -8.26 -16.55
CB MSE A 200 7.03 -5.38 -15.57
CG MSE A 200 5.66 -6.06 -15.55
SE MSE A 200 5.40 -7.19 -14.04
CE MSE A 200 4.99 -5.92 -12.71
N THR A 201 9.22 -6.96 -17.62
CA THR A 201 9.43 -7.97 -18.67
C THR A 201 10.48 -8.99 -18.28
N ASN A 202 11.50 -8.63 -17.46
CA ASN A 202 12.55 -9.59 -17.11
C ASN A 202 12.42 -10.38 -15.82
N PHE A 203 11.53 -9.98 -14.89
CA PHE A 203 11.44 -10.66 -13.60
C PHE A 203 10.28 -11.64 -13.57
N VAL A 204 10.48 -12.83 -14.11
CA VAL A 204 9.46 -13.85 -14.29
C VAL A 204 9.41 -14.87 -13.16
N ASP A 205 10.38 -14.97 -12.28
CA ASP A 205 10.35 -15.94 -11.18
C ASP A 205 11.11 -15.47 -9.97
N THR A 206 11.06 -14.13 -9.85
CA THR A 206 11.59 -13.51 -8.63
C THR A 206 10.78 -13.91 -7.43
N PRO A 207 11.29 -13.83 -6.21
CA PRO A 207 10.60 -14.18 -4.99
C PRO A 207 9.30 -13.35 -4.83
N LEU A 208 8.23 -14.07 -4.54
CA LEU A 208 6.91 -13.61 -4.14
C LEU A 208 6.12 -12.97 -5.26
N TRP A 209 6.66 -11.96 -5.96
CA TRP A 209 5.95 -11.30 -7.05
C TRP A 209 6.81 -11.45 -8.30
N HIS A 210 6.15 -11.50 -9.42
CA HIS A 210 6.73 -11.77 -10.72
C HIS A 210 5.70 -11.52 -11.78
N ARG A 211 6.18 -11.53 -13.01
CA ARG A 211 5.31 -11.27 -14.13
C ARG A 211 4.08 -12.21 -14.17
N PRO A 212 4.17 -13.52 -14.03
CA PRO A 212 2.95 -14.35 -13.99
C PRO A 212 1.94 -13.86 -12.98
N ASN A 213 2.38 -13.53 -11.75
CA ASN A 213 1.35 -13.02 -10.81
C ASN A 213 0.82 -11.67 -11.24
N ALA A 214 1.60 -10.77 -11.83
CA ALA A 214 1.15 -9.41 -12.21
C ALA A 214 0.02 -9.47 -13.20
N ILE A 215 0.13 -10.38 -14.18
CA ILE A 215 -0.91 -10.49 -15.18
C ILE A 215 -2.22 -10.90 -14.52
N LEU A 216 -2.12 -11.87 -13.63
CA LEU A 216 -3.33 -12.33 -12.93
C LEU A 216 -3.94 -11.26 -12.04
N SER A 217 -3.08 -10.46 -11.41
CA SER A 217 -3.55 -9.45 -10.45
C SER A 217 -4.37 -8.40 -11.13
N TRP A 218 -3.85 -7.90 -12.25
CA TRP A 218 -4.58 -6.85 -12.95
C TRP A 218 -5.88 -7.34 -13.61
N LYS A 219 -5.82 -8.58 -14.11
CA LYS A 219 -7.02 -9.18 -14.68
C LYS A 219 -8.07 -9.34 -13.60
N TYR A 220 -7.72 -9.88 -12.43
CA TYR A 220 -8.70 -10.00 -11.35
C TYR A 220 -9.32 -8.65 -10.96
N TYR A 221 -8.45 -7.64 -10.83
CA TYR A 221 -8.87 -6.31 -10.42
C TYR A 221 -9.75 -5.59 -11.43
N LEU A 222 -9.35 -5.64 -12.70
CA LEU A 222 -10.04 -4.82 -13.70
C LEU A 222 -11.20 -5.55 -14.34
N GLY A 223 -11.21 -6.90 -14.30
CA GLY A 223 -12.43 -7.56 -14.76
C GLY A 223 -12.47 -7.92 -16.24
N GLU A 224 -13.63 -8.41 -16.68
CA GLU A 224 -13.76 -8.90 -18.05
C GLU A 224 -13.91 -7.85 -19.14
N SER A 225 -14.24 -6.59 -18.86
CA SER A 225 -14.24 -5.55 -19.90
C SER A 225 -12.82 -5.06 -20.20
N TYR A 226 -11.84 -5.67 -19.53
CA TYR A 226 -10.44 -5.32 -19.61
C TYR A 226 -9.72 -6.22 -20.61
N SER A 227 -9.15 -5.62 -21.62
CA SER A 227 -8.53 -6.38 -22.71
C SER A 227 -7.01 -6.42 -22.56
N GLY A 228 -6.48 -6.09 -21.38
CA GLY A 228 -5.04 -6.25 -21.20
C GLY A 228 -4.27 -4.96 -21.38
N PRO A 229 -2.94 -5.09 -21.40
CA PRO A 229 -2.02 -3.95 -21.44
C PRO A 229 -2.25 -2.95 -22.55
N GLU A 230 -2.76 -3.38 -23.70
CA GLU A 230 -2.97 -2.41 -24.78
C GLU A 230 -4.32 -1.72 -24.65
N ASP A 231 -5.12 -2.12 -23.67
CA ASP A 231 -6.41 -1.45 -23.49
C ASP A 231 -6.22 0.04 -23.30
N PRO A 232 -6.80 0.93 -24.10
CA PRO A 232 -6.55 2.37 -23.92
C PRO A 232 -7.47 3.02 -22.91
N ASP A 233 -8.50 2.30 -22.50
CA ASP A 233 -9.58 2.74 -21.65
C ASP A 233 -9.44 2.26 -20.21
N VAL A 234 -8.43 2.72 -19.49
CA VAL A 234 -8.22 2.26 -18.13
C VAL A 234 -8.13 3.49 -17.24
N SER A 235 -8.94 3.50 -16.18
CA SER A 235 -8.93 4.66 -15.29
C SER A 235 -7.57 4.92 -14.66
N ILE A 236 -7.21 6.20 -14.54
CA ILE A 236 -5.97 6.53 -13.79
C ILE A 236 -6.13 6.19 -12.32
N TYR A 237 -7.35 6.02 -11.80
CA TYR A 237 -7.49 5.68 -10.39
C TYR A 237 -7.22 4.20 -10.21
N ALA A 238 -7.32 3.42 -11.30
CA ALA A 238 -7.00 2.00 -11.31
C ALA A 238 -5.50 1.78 -11.45
N ALA A 239 -4.92 2.48 -12.42
CA ALA A 239 -3.52 2.40 -12.78
C ALA A 239 -2.91 3.79 -12.78
N PRO A 240 -2.50 4.30 -11.63
CA PRO A 240 -1.95 5.64 -11.53
C PRO A 240 -0.82 5.92 -12.50
N SER A 241 -0.02 4.93 -12.90
CA SER A 241 1.03 5.18 -13.90
C SER A 241 0.48 5.82 -15.19
N ARG A 242 -0.78 5.52 -15.47
CA ARG A 242 -1.36 6.08 -16.70
C ARG A 242 -1.71 7.54 -16.58
N ALA A 243 -1.69 8.16 -15.42
CA ALA A 243 -1.98 9.58 -15.31
C ALA A 243 -0.96 10.46 -16.03
N THR A 244 -1.42 11.50 -16.71
CA THR A 244 -0.52 12.47 -17.33
C THR A 244 -0.25 13.72 -16.51
N ASP A 245 -1.16 14.10 -15.62
CA ASP A 245 -0.95 15.32 -14.84
C ASP A 245 -0.75 14.94 -13.37
N LEU A 246 0.48 14.98 -12.89
CA LEU A 246 0.82 14.69 -11.50
C LEU A 246 1.02 15.93 -10.65
N THR A 247 0.70 17.13 -11.22
CA THR A 247 0.93 18.32 -10.42
C THR A 247 -0.07 18.41 -9.27
N GLY A 248 0.35 19.07 -8.20
CA GLY A 248 -0.56 19.30 -7.08
C GLY A 248 -0.85 18.10 -6.22
N LEU A 249 -0.12 17.02 -6.46
CA LEU A 249 -0.18 15.88 -5.55
C LEU A 249 0.67 16.13 -4.31
N PRO A 250 0.41 15.42 -3.19
CA PRO A 250 1.09 15.70 -1.92
C PRO A 250 2.57 15.28 -1.92
N PRO A 251 3.37 15.82 -1.03
CA PRO A 251 4.74 15.32 -0.81
C PRO A 251 4.63 13.81 -0.61
N THR A 252 5.57 13.09 -1.22
CA THR A 252 5.48 11.63 -1.35
C THR A 252 6.75 10.93 -0.95
N TYR A 253 6.59 9.79 -0.33
CA TYR A 253 7.68 8.84 -0.13
C TYR A 253 7.39 7.62 -1.00
N LEU A 254 8.36 7.12 -1.74
CA LEU A 254 8.15 5.88 -2.55
C LEU A 254 9.36 5.01 -2.41
N SER A 255 9.15 3.74 -2.02
CA SER A 255 10.26 2.78 -1.92
C SER A 255 10.10 1.68 -2.94
N THR A 256 11.21 1.17 -3.43
CA THR A 256 11.21 0.03 -4.37
C THR A 256 12.30 -0.96 -3.95
N MSE A 257 12.14 -2.19 -4.47
CA MSE A 257 13.12 -3.25 -4.17
C MSE A 257 13.83 -3.67 -5.44
O MSE A 257 13.29 -3.58 -6.53
CB MSE A 257 12.42 -4.44 -3.53
CG MSE A 257 11.60 -4.06 -2.29
SE MSE A 257 12.65 -3.48 -0.77
CE MSE A 257 11.86 -1.79 -0.35
N GLU A 258 15.08 -4.19 -5.31
CA GLU A 258 15.89 -4.45 -6.49
C GLU A 258 15.33 -5.52 -7.44
N LEU A 259 14.98 -6.64 -6.79
CA LEU A 259 14.53 -7.82 -7.57
C LEU A 259 13.01 -7.91 -7.59
N ASP A 260 12.33 -6.79 -7.58
CA ASP A 260 10.88 -6.69 -7.69
C ASP A 260 10.46 -6.29 -9.09
N PRO A 261 9.52 -7.00 -9.73
CA PRO A 261 9.05 -6.62 -11.04
C PRO A 261 8.41 -5.22 -11.00
N LEU A 262 7.91 -4.77 -9.85
CA LEU A 262 7.31 -3.44 -9.68
C LEU A 262 8.33 -2.33 -9.57
N ARG A 263 9.61 -2.65 -9.52
CA ARG A 263 10.63 -1.65 -9.22
C ARG A 263 10.59 -0.50 -10.20
N ASP A 264 10.61 -0.76 -11.51
CA ASP A 264 10.74 0.31 -12.49
C ASP A 264 9.49 1.20 -12.50
N GLU A 265 8.29 0.61 -12.38
CA GLU A 265 7.10 1.50 -12.39
C GLU A 265 7.12 2.40 -11.17
N GLY A 266 7.66 1.91 -10.06
CA GLY A 266 7.81 2.75 -8.87
C GLY A 266 8.75 3.91 -9.10
N ILE A 267 9.96 3.58 -9.59
CA ILE A 267 10.95 4.65 -9.83
C ILE A 267 10.42 5.63 -10.86
N GLU A 268 9.76 5.12 -11.91
CA GLU A 268 9.25 6.02 -12.94
C GLU A 268 8.14 6.91 -12.39
N TYR A 269 7.24 6.43 -11.52
CA TYR A 269 6.21 7.31 -10.97
C TYR A 269 6.82 8.38 -10.10
N ALA A 270 7.83 8.00 -9.28
CA ALA A 270 8.49 8.98 -8.44
C ALA A 270 9.17 10.06 -9.31
N LEU A 271 9.81 9.61 -10.39
CA LEU A 271 10.53 10.62 -11.22
C LEU A 271 9.49 11.57 -11.83
N ARG A 272 8.37 11.05 -12.35
CA ARG A 272 7.36 11.90 -12.94
C ARG A 272 6.73 12.79 -11.88
N LEU A 273 6.55 12.36 -10.65
CA LEU A 273 6.09 13.23 -9.58
C LEU A 273 7.07 14.38 -9.37
N LEU A 274 8.36 14.09 -9.22
CA LEU A 274 9.39 15.10 -9.11
C LEU A 274 9.32 16.06 -10.28
N GLN A 275 9.15 15.52 -11.48
CA GLN A 275 9.19 16.43 -12.65
C GLN A 275 7.97 17.33 -12.69
N ALA A 276 6.90 16.90 -12.08
CA ALA A 276 5.65 17.69 -11.95
C ALA A 276 5.74 18.66 -10.81
N GLY A 277 6.88 18.80 -10.09
CA GLY A 277 7.00 19.77 -9.01
C GLY A 277 6.66 19.32 -7.60
N VAL A 278 6.38 17.99 -7.48
CA VAL A 278 6.05 17.40 -6.18
C VAL A 278 7.31 17.10 -5.38
N SER A 279 7.33 17.33 -4.08
CA SER A 279 8.44 16.92 -3.25
C SER A 279 8.38 15.40 -3.06
N VAL A 280 9.44 14.69 -3.43
CA VAL A 280 9.46 13.24 -3.33
C VAL A 280 10.75 12.75 -2.73
N GLU A 281 10.62 11.73 -1.87
CA GLU A 281 11.74 10.92 -1.45
C GLU A 281 11.56 9.56 -2.14
N LEU A 282 12.58 9.18 -2.91
CA LEU A 282 12.57 7.90 -3.63
C LEU A 282 13.71 7.04 -3.10
N HIS A 283 13.44 5.79 -2.74
CA HIS A 283 14.54 4.96 -2.28
C HIS A 283 14.38 3.55 -2.86
N SER A 284 15.32 3.19 -3.72
CA SER A 284 15.34 1.79 -4.23
C SER A 284 16.40 1.09 -3.40
N PHE A 285 16.07 0.05 -2.65
CA PHE A 285 16.99 -0.60 -1.73
C PHE A 285 17.72 -1.72 -2.44
N PRO A 286 19.02 -1.87 -2.17
CA PRO A 286 19.82 -2.88 -2.86
C PRO A 286 19.65 -4.25 -2.24
N GLY A 287 19.75 -5.26 -3.11
CA GLY A 287 19.87 -6.63 -2.63
C GLY A 287 18.58 -7.17 -2.05
N THR A 288 17.47 -6.56 -2.44
CA THR A 288 16.15 -6.89 -1.91
C THR A 288 15.26 -7.47 -2.98
N PHE A 289 14.09 -7.94 -2.46
CA PHE A 289 13.09 -8.52 -3.39
C PHE A 289 11.70 -8.02 -2.95
N HIS A 290 10.71 -8.24 -3.83
CA HIS A 290 9.37 -7.81 -3.45
C HIS A 290 8.91 -8.44 -2.14
N GLY A 291 8.67 -7.66 -1.06
CA GLY A 291 8.22 -8.31 0.16
C GLY A 291 9.31 -8.72 1.11
N SER A 292 10.59 -8.41 0.81
CA SER A 292 11.67 -8.84 1.71
C SER A 292 11.64 -8.14 3.05
N ALA A 293 10.80 -7.07 3.17
CA ALA A 293 10.65 -6.49 4.51
C ALA A 293 10.08 -7.47 5.53
N LEU A 294 9.48 -8.56 5.07
CA LEU A 294 9.02 -9.68 5.90
C LEU A 294 10.13 -10.25 6.77
N VAL A 295 11.34 -10.27 6.24
CA VAL A 295 12.56 -10.61 6.96
C VAL A 295 13.00 -9.42 7.82
N ALA A 296 12.31 -9.22 8.93
CA ALA A 296 12.39 -7.97 9.68
C ALA A 296 13.72 -7.83 10.40
N THR A 297 14.41 -8.95 10.58
CA THR A 297 15.65 -8.77 11.33
C THR A 297 16.82 -8.42 10.41
N ALA A 298 16.66 -8.50 9.09
CA ALA A 298 17.77 -8.18 8.18
C ALA A 298 18.08 -6.70 8.31
N ALA A 299 19.35 -6.35 8.23
CA ALA A 299 19.69 -4.92 8.47
C ALA A 299 19.01 -4.02 7.45
N VAL A 300 18.86 -4.49 6.22
CA VAL A 300 18.29 -3.63 5.16
C VAL A 300 16.80 -3.46 5.39
N SER A 301 16.16 -4.48 5.98
CA SER A 301 14.75 -4.33 6.36
C SER A 301 14.60 -3.37 7.54
N GLU A 302 15.52 -3.50 8.51
CA GLU A 302 15.43 -2.58 9.64
C GLU A 302 15.67 -1.14 9.20
N ARG A 303 16.62 -0.97 8.26
CA ARG A 303 16.90 0.35 7.72
C ARG A 303 15.66 0.95 7.05
N GLY A 304 15.00 0.05 6.28
CA GLY A 304 13.82 0.61 5.56
C GLY A 304 12.69 0.88 6.52
N ALA A 305 12.54 0.02 7.56
CA ALA A 305 11.49 0.27 8.52
C ALA A 305 11.71 1.56 9.28
N ALA A 306 12.95 1.84 9.70
CA ALA A 306 13.20 3.10 10.41
C ALA A 306 12.95 4.33 9.53
N GLU A 307 13.34 4.16 8.24
CA GLU A 307 13.16 5.28 7.32
C GLU A 307 11.68 5.55 7.07
N ALA A 308 10.88 4.50 6.97
CA ALA A 308 9.44 4.75 6.83
C ALA A 308 8.87 5.59 7.96
N LEU A 309 9.34 5.29 9.21
CA LEU A 309 8.80 6.06 10.32
C LEU A 309 9.24 7.53 10.27
N THR A 310 10.51 7.69 9.99
CA THR A 310 11.10 9.04 9.80
C THR A 310 10.36 9.80 8.73
N ALA A 311 10.07 9.15 7.60
CA ALA A 311 9.38 9.80 6.49
C ALA A 311 7.96 10.25 6.88
N ILE A 312 7.22 9.36 7.53
CA ILE A 312 5.85 9.70 7.94
C ILE A 312 5.84 10.80 9.02
N ARG A 313 6.71 10.69 10.02
CA ARG A 313 6.86 11.71 11.06
C ARG A 313 7.09 13.08 10.46
N ARG A 314 8.05 13.19 9.51
CA ARG A 314 8.32 14.47 8.86
C ARG A 314 7.20 14.91 7.94
N GLY A 315 6.59 13.97 7.19
CA GLY A 315 5.53 14.32 6.25
C GLY A 315 4.34 14.96 6.96
N LEU A 316 4.12 14.57 8.23
CA LEU A 316 2.91 15.05 8.90
C LEU A 316 3.30 16.00 10.01
N ARG A 317 4.53 16.48 10.04
CA ARG A 317 4.96 17.45 11.05
C ARG A 317 4.08 18.69 10.99
N SER A 318 3.97 19.45 12.09
CA SER A 318 2.95 20.50 12.09
C SER A 318 3.28 21.73 11.27
AS CAC B . 1.49 -7.06 -3.76
O2 CAC B . 0.06 -6.46 -3.40
C1 CAC B . 1.80 -7.34 -5.53
C2 CAC B . 2.35 -8.04 -2.41
#